data_1G32
#
_entry.id   1G32
#
_cell.length_a   69.600
_cell.length_b   70.900
_cell.length_c   72.900
_cell.angle_alpha   90.00
_cell.angle_beta   100.40
_cell.angle_gamma   90.00
#
_symmetry.space_group_name_H-M   'C 1 2 1'
#
loop_
_entity.id
_entity.type
_entity.pdbx_description
1 polymer PROTHROMBIN
2 polymer PROTHROMBIN
3 polymer 'HIRUDIN IIB'
4 non-polymer 4-{[1-METHYL-5-(2-METHYL-BENZOIMIDAZOL-1-YLMETHYL)-1H-BENZOIMIDAZOL-2-YLMETHYL]-AMINO}-BENZAMIDINE
5 water water
#
loop_
_entity_poly.entity_id
_entity_poly.type
_entity_poly.pdbx_seq_one_letter_code
_entity_poly.pdbx_strand_id
1 'polypeptide(L)' TFGSGEADCGLRPLFEKKSLEDKTERELLESYIDGR A
2 'polypeptide(L)'
;IVEGSDAEIGMSPWQVMLFRKSPQELLCGASLISDRWVLTAAHCLLYPPWDKNFTENDLLVRIGKHSRTRYERNIEKISM
LEKIYIHPRYNWRENLDRDIALMKLKKPVAFSDYIHPVCLPDRETAASLLQAGYKGRVTGWGNLKETWTANVGKGQPSVL
QVVNLPIVERPVCKDSTRIRITDNMFCAGYKPDEGKRGDACEGDSGGPFVMKSPFNNRWYQMGIVSWGEGCDRDGKYGFY
THVFRLKKWIQKVIDQFGE
;
B
3 'polypeptide(L)' DFEEIPEE(TYS)LQ C
#
loop_
_chem_comp.id
_chem_comp.type
_chem_comp.name
_chem_comp.formula
R11 non-polymer 4-{[1-METHYL-5-(2-METHYL-BENZOIMIDAZOL-1-YLMETHYL)-1H-BENZOIMIDAZOL-2-YLMETHYL]-AMINO}-BENZAMIDINE 'C25 H25 N7'
#
# COMPACT_ATOMS: atom_id res chain seq x y z
N GLU A 6 7.82 3.26 15.27
CA GLU A 6 9.13 2.64 14.90
C GLU A 6 10.22 3.73 14.94
N ALA A 7 11.38 3.41 15.54
CA ALA A 7 12.44 4.39 15.69
C ALA A 7 13.24 4.73 14.44
N ASP A 8 13.34 3.77 13.53
CA ASP A 8 14.13 3.97 12.32
C ASP A 8 13.23 3.84 11.09
N CYS A 9 11.93 3.86 11.30
CA CYS A 9 10.98 3.71 10.23
C CYS A 9 11.09 4.82 9.20
N GLY A 10 10.67 4.52 7.97
CA GLY A 10 10.66 5.50 6.92
C GLY A 10 11.98 5.97 6.35
N LEU A 11 13.09 5.41 6.86
CA LEU A 11 14.42 5.76 6.35
C LEU A 11 14.89 4.50 5.63
N ARG A 12 15.01 4.59 4.31
CA ARG A 12 15.40 3.45 3.49
C ARG A 12 16.90 3.21 3.49
N PRO A 13 17.32 1.95 3.65
CA PRO A 13 18.73 1.57 3.65
C PRO A 13 19.51 2.04 2.42
N LEU A 14 18.91 1.91 1.24
CA LEU A 14 19.60 2.30 0.02
C LEU A 14 19.45 3.76 -0.40
N PHE A 15 18.69 4.54 0.37
CA PHE A 15 18.49 5.96 0.04
C PHE A 15 18.78 6.89 1.22
N GLU A 16 17.79 7.14 2.09
CA GLU A 16 17.98 8.03 3.23
C GLU A 16 19.18 7.66 4.09
N LYS A 17 19.35 6.37 4.35
CA LYS A 17 20.46 5.87 5.15
C LYS A 17 21.83 6.21 4.61
N LYS A 18 21.94 6.36 3.30
CA LYS A 18 23.23 6.70 2.71
C LYS A 18 23.19 8.03 1.97
N SER A 19 22.22 8.86 2.38
CA SER A 19 22.00 10.18 1.81
C SER A 19 21.96 10.18 0.27
N LEU A 20 21.17 9.27 -0.27
CA LEU A 20 21.02 9.21 -1.72
C LEU A 20 19.55 9.44 -1.94
N GLU A 21 19.18 10.15 -2.98
CA GLU A 21 17.76 10.38 -3.20
C GLU A 21 17.31 9.64 -4.44
N ASP A 22 16.10 9.08 -4.42
CA ASP A 22 15.60 8.36 -5.58
C ASP A 22 15.26 9.35 -6.70
N LYS A 23 15.02 8.81 -7.88
CA LYS A 23 14.73 9.58 -9.07
C LYS A 23 13.50 10.49 -9.11
N THR A 24 12.49 10.22 -8.29
CA THR A 24 11.29 11.06 -8.36
C THR A 24 10.80 11.69 -7.07
N GLU A 25 11.51 11.47 -5.97
CA GLU A 25 11.08 12.04 -4.70
C GLU A 25 11.02 13.56 -4.70
N ARG A 26 11.91 14.21 -5.46
CA ARG A 26 11.91 15.66 -5.58
C ARG A 26 10.53 16.18 -6.04
N GLU A 27 9.86 15.43 -6.91
CA GLU A 27 8.53 15.82 -7.40
C GLU A 27 7.56 15.94 -6.23
N LEU A 28 7.66 15.01 -5.29
CA LEU A 28 6.82 15.00 -4.10
C LEU A 28 7.10 16.22 -3.24
N LEU A 29 8.37 16.42 -2.93
CA LEU A 29 8.74 17.53 -2.08
C LEU A 29 8.42 18.90 -2.72
N GLU A 30 8.43 18.96 -4.05
CA GLU A 30 8.11 20.22 -4.74
C GLU A 30 6.62 20.56 -4.71
N SER A 31 5.79 19.55 -4.44
CA SER A 31 4.35 19.74 -4.35
C SER A 31 3.93 20.13 -2.93
N TYR A 32 4.86 20.08 -1.98
CA TYR A 32 4.56 20.44 -0.61
C TYR A 32 4.83 21.92 -0.45
N ILE B 1 -0.36 -0.85 -11.52
CA ILE B 1 -0.24 0.62 -11.48
C ILE B 1 -0.29 1.05 -12.93
N VAL B 2 -1.18 1.99 -13.25
CA VAL B 2 -1.33 2.48 -14.61
C VAL B 2 -0.51 3.75 -14.79
N GLU B 3 0.27 3.79 -15.86
CA GLU B 3 1.10 4.94 -16.17
C GLU B 3 2.19 5.26 -15.16
N GLY B 4 2.62 4.24 -14.42
CA GLY B 4 3.70 4.44 -13.46
C GLY B 4 5.00 4.06 -14.14
N SER B 5 6.01 3.70 -13.35
CA SER B 5 7.30 3.27 -13.91
C SER B 5 7.94 2.25 -12.98
N ASP B 6 9.00 1.60 -13.47
CA ASP B 6 9.71 0.59 -12.70
C ASP B 6 10.33 1.19 -11.44
N ALA B 7 10.11 0.53 -10.31
CA ALA B 7 10.67 0.99 -9.06
C ALA B 7 12.17 0.79 -9.09
N GLU B 8 12.91 1.62 -8.37
CA GLU B 8 14.35 1.46 -8.26
C GLU B 8 14.53 0.37 -7.20
N ILE B 9 15.69 -0.28 -7.18
CA ILE B 9 15.91 -1.31 -6.18
C ILE B 9 16.03 -0.64 -4.81
N GLY B 10 15.26 -1.16 -3.85
CA GLY B 10 15.26 -0.63 -2.50
C GLY B 10 14.47 0.65 -2.32
N MET B 11 13.72 1.04 -3.36
CA MET B 11 12.92 2.27 -3.33
C MET B 11 11.71 2.22 -2.39
N SER B 12 11.14 1.03 -2.23
CA SER B 12 9.97 0.85 -1.39
C SER B 12 10.18 -0.42 -0.57
N PRO B 13 11.11 -0.38 0.37
CA PRO B 13 11.44 -1.52 1.23
C PRO B 13 10.34 -2.03 2.17
N TRP B 14 9.24 -1.30 2.25
CA TRP B 14 8.13 -1.71 3.10
C TRP B 14 7.07 -2.41 2.24
N GLN B 15 7.30 -2.48 0.93
CA GLN B 15 6.35 -3.11 0.02
C GLN B 15 6.21 -4.58 0.33
N VAL B 16 4.97 -5.03 0.48
CA VAL B 16 4.66 -6.42 0.77
C VAL B 16 3.65 -6.95 -0.23
N MET B 17 3.83 -8.20 -0.66
CA MET B 17 2.92 -8.85 -1.61
C MET B 17 2.09 -9.87 -0.84
N LEU B 18 0.77 -9.77 -0.94
CA LEU B 18 -0.11 -10.74 -0.28
C LEU B 18 -0.24 -11.83 -1.33
N PHE B 19 0.33 -12.99 -1.02
CA PHE B 19 0.36 -14.12 -1.95
C PHE B 19 -0.55 -15.30 -1.59
N ARG B 20 -1.32 -15.76 -2.59
CA ARG B 20 -2.21 -16.89 -2.41
C ARG B 20 -1.40 -18.17 -2.65
N LYS B 21 -1.54 -19.13 -1.74
CA LYS B 21 -0.83 -20.40 -1.85
C LYS B 21 -1.36 -21.32 -2.93
N SER B 22 -2.68 -21.52 -2.96
CA SER B 22 -3.31 -22.39 -3.94
C SER B 22 -4.58 -21.83 -4.58
N PRO B 23 -4.50 -21.36 -5.84
CA PRO B 23 -3.26 -21.38 -6.63
C PRO B 23 -2.28 -20.30 -6.15
N GLN B 24 -1.02 -20.42 -6.59
CA GLN B 24 0.01 -19.44 -6.24
C GLN B 24 -0.24 -18.22 -7.10
N GLU B 25 -0.65 -17.12 -6.47
CA GLU B 25 -0.95 -15.90 -7.21
C GLU B 25 -0.96 -14.63 -6.36
N LEU B 26 -0.80 -13.49 -7.02
CA LEU B 26 -0.81 -12.20 -6.34
C LEU B 26 -2.26 -11.92 -5.93
N LEU B 27 -2.46 -11.68 -4.64
CA LEU B 27 -3.78 -11.39 -4.14
C LEU B 27 -3.98 -9.89 -3.91
N CYS B 28 -2.96 -9.24 -3.35
CA CYS B 28 -3.02 -7.81 -3.03
C CYS B 28 -1.65 -7.26 -2.67
N GLY B 29 -1.63 -5.95 -2.45
CA GLY B 29 -0.42 -5.26 -2.03
C GLY B 29 -0.60 -5.12 -0.53
N ALA B 30 0.45 -4.70 0.16
CA ALA B 30 0.40 -4.52 1.61
C ALA B 30 1.68 -3.78 1.99
N SER B 31 1.89 -3.60 3.29
CA SER B 31 3.08 -2.88 3.73
C SER B 31 3.60 -3.35 5.08
N LEU B 32 4.91 -3.22 5.25
CA LEU B 32 5.62 -3.62 6.46
C LEU B 32 5.66 -2.45 7.43
N ILE B 33 5.03 -2.59 8.60
CA ILE B 33 5.06 -1.50 9.59
C ILE B 33 5.96 -1.78 10.82
N SER B 34 6.43 -3.02 10.95
CA SER B 34 7.36 -3.45 12.02
C SER B 34 7.82 -4.86 11.63
N ASP B 35 8.66 -5.50 12.44
CA ASP B 35 9.13 -6.85 12.10
C ASP B 35 8.06 -7.93 12.08
N ARG B 36 6.93 -7.69 12.74
CA ARG B 36 5.86 -8.67 12.76
C ARG B 36 4.48 -8.18 12.34
N TRP B 37 4.36 -6.92 11.93
CA TRP B 37 3.07 -6.37 11.52
C TRP B 37 3.03 -5.88 10.09
N VAL B 38 2.04 -6.40 9.34
CA VAL B 38 1.82 -6.06 7.94
C VAL B 38 0.46 -5.41 7.83
N LEU B 39 0.41 -4.28 7.15
CA LEU B 39 -0.82 -3.53 6.99
C LEU B 39 -1.35 -3.65 5.56
N THR B 40 -2.67 -3.79 5.42
CA THR B 40 -3.30 -3.90 4.11
C THR B 40 -4.79 -3.46 4.20
N ALA B 41 -5.51 -3.60 3.10
CA ALA B 41 -6.92 -3.23 3.06
C ALA B 41 -7.76 -4.43 3.48
N ALA B 42 -8.75 -4.22 4.34
CA ALA B 42 -9.63 -5.28 4.81
C ALA B 42 -10.25 -6.06 3.65
N HIS B 43 -10.55 -5.36 2.56
CA HIS B 43 -11.17 -5.97 1.38
C HIS B 43 -10.31 -7.05 0.71
N CYS B 44 -9.01 -7.03 1.01
CA CYS B 44 -8.07 -8.00 0.47
C CYS B 44 -8.29 -9.35 1.11
N LEU B 45 -8.84 -9.34 2.32
CA LEU B 45 -9.09 -10.57 3.06
C LEU B 45 -10.58 -10.94 3.08
N LEU B 46 -11.42 -9.98 3.46
CA LEU B 46 -12.86 -10.21 3.55
C LEU B 46 -13.63 -9.30 2.61
N TYR B 47 -14.37 -9.90 1.70
CA TYR B 47 -15.18 -9.15 0.76
C TYR B 47 -16.21 -10.07 0.08
N PRO B 48 -17.34 -10.33 0.78
CA PRO B 48 -18.47 -11.18 0.35
C PRO B 48 -18.97 -11.03 -1.08
N PRO B 49 -19.08 -9.79 -1.60
CA PRO B 49 -19.56 -9.68 -2.98
C PRO B 49 -18.70 -10.44 -3.98
N TRP B 50 -17.42 -10.58 -3.68
CA TRP B 50 -16.50 -11.29 -4.57
C TRP B 50 -16.13 -12.64 -3.99
N ASP B 51 -16.95 -13.13 -3.06
CA ASP B 51 -16.71 -14.42 -2.41
C ASP B 51 -15.32 -14.56 -1.81
N LYS B 52 -14.76 -13.44 -1.39
CA LYS B 52 -13.44 -13.42 -0.78
C LYS B 52 -13.58 -13.44 0.74
N ASN B 53 -12.91 -14.38 1.38
CA ASN B 53 -12.91 -14.51 2.84
C ASN B 53 -11.77 -15.45 3.23
N PHE B 54 -10.56 -14.96 3.07
CA PHE B 54 -9.37 -15.74 3.38
C PHE B 54 -9.14 -15.92 4.86
N THR B 55 -8.39 -16.96 5.19
CA THR B 55 -8.00 -17.26 6.56
C THR B 55 -6.47 -17.32 6.51
N GLU B 56 -5.84 -17.13 7.65
CA GLU B 56 -4.39 -17.13 7.76
C GLU B 56 -3.67 -18.17 6.89
N ASN B 57 -4.05 -19.43 7.07
CA ASN B 57 -3.43 -20.51 6.32
C ASN B 57 -3.58 -20.49 4.81
N ASP B 58 -4.46 -19.64 4.29
CA ASP B 58 -4.64 -19.54 2.84
C ASP B 58 -3.64 -18.60 2.23
N LEU B 59 -2.97 -17.84 3.09
CA LEU B 59 -2.06 -16.82 2.63
C LEU B 59 -0.58 -16.93 2.98
N LEU B 60 0.21 -16.13 2.27
CA LEU B 60 1.63 -16.04 2.44
C LEU B 60 1.99 -14.55 2.17
N VAL B 61 2.92 -14.01 2.95
CA VAL B 61 3.38 -12.64 2.83
C VAL B 61 4.79 -12.63 2.20
N ARG B 62 4.96 -12.02 1.05
CA ARG B 62 6.26 -11.97 0.40
C ARG B 62 6.86 -10.55 0.49
N ILE B 63 7.91 -10.43 1.31
CA ILE B 63 8.59 -9.18 1.60
C ILE B 63 9.96 -9.02 0.96
N GLY B 64 10.31 -7.79 0.57
CA GLY B 64 11.61 -7.50 -0.03
C GLY B 64 11.67 -7.74 -1.53
N LYS B 65 10.51 -7.93 -2.14
CA LYS B 65 10.43 -8.20 -3.56
C LYS B 65 10.57 -7.00 -4.48
N HIS B 66 10.90 -7.31 -5.73
CA HIS B 66 11.05 -6.32 -6.79
C HIS B 66 10.36 -6.94 -8.00
N SER B 67 10.85 -8.11 -8.41
CA SER B 67 10.27 -8.83 -9.52
C SER B 67 8.88 -9.30 -9.09
N ARG B 68 7.95 -9.34 -10.04
CA ARG B 68 6.60 -9.76 -9.77
C ARG B 68 6.42 -11.26 -9.60
N THR B 69 6.76 -12.02 -10.63
CA THR B 69 6.58 -13.48 -10.62
C THR B 69 7.73 -14.35 -10.16
N ARG B 70 8.93 -13.80 -10.16
CA ARG B 70 10.08 -14.57 -9.79
C ARG B 70 10.42 -14.68 -8.30
N TYR B 71 10.77 -15.89 -7.87
CA TYR B 71 11.17 -16.09 -6.48
C TYR B 71 12.58 -15.53 -6.35
N GLU B 72 12.71 -14.42 -5.64
CA GLU B 72 13.99 -13.75 -5.47
C GLU B 72 14.88 -14.31 -4.35
N ARG B 73 15.59 -15.38 -4.68
CA ARG B 73 16.50 -16.07 -3.77
C ARG B 73 17.49 -15.10 -3.13
N ASN B 74 17.62 -15.23 -1.82
CA ASN B 74 18.55 -14.41 -1.02
C ASN B 74 18.11 -12.96 -0.82
N ILE B 75 16.98 -12.58 -1.40
CA ILE B 75 16.52 -11.19 -1.28
C ILE B 75 15.17 -11.11 -0.55
N GLU B 76 14.15 -11.73 -1.11
CA GLU B 76 12.83 -11.71 -0.48
C GLU B 76 12.75 -12.68 0.69
N LYS B 77 11.77 -12.47 1.54
CA LYS B 77 11.52 -13.30 2.70
C LYS B 77 10.03 -13.56 2.68
N ILE B 78 9.65 -14.83 2.80
CA ILE B 78 8.25 -15.21 2.79
C ILE B 78 7.83 -15.60 4.20
N SER B 79 6.84 -14.90 4.74
CA SER B 79 6.35 -15.15 6.08
C SER B 79 4.94 -15.73 6.10
N MET B 80 4.61 -16.42 7.20
CA MET B 80 3.31 -17.03 7.38
C MET B 80 2.52 -16.17 8.35
N LEU B 81 1.19 -16.21 8.25
CA LEU B 81 0.36 -15.39 9.12
C LEU B 81 -0.05 -16.07 10.41
N GLU B 82 0.19 -15.39 11.52
CA GLU B 82 -0.22 -15.91 12.82
C GLU B 82 -1.69 -15.54 13.02
N LYS B 83 -2.04 -14.30 12.69
CA LYS B 83 -3.41 -13.83 12.84
C LYS B 83 -3.72 -12.63 11.97
N ILE B 84 -4.99 -12.54 11.57
CA ILE B 84 -5.50 -11.45 10.75
C ILE B 84 -6.48 -10.69 11.62
N TYR B 85 -6.42 -9.36 11.56
CA TYR B 85 -7.31 -8.48 12.32
C TYR B 85 -7.91 -7.49 11.34
N ILE B 86 -9.23 -7.49 11.25
CA ILE B 86 -9.95 -6.59 10.36
C ILE B 86 -10.71 -5.58 11.21
N HIS B 87 -10.73 -4.33 10.79
CA HIS B 87 -11.43 -3.29 11.55
C HIS B 87 -12.85 -3.75 11.90
N PRO B 88 -13.22 -3.68 13.18
CA PRO B 88 -14.54 -4.11 13.63
C PRO B 88 -15.68 -3.37 12.95
N ARG B 89 -15.42 -2.18 12.43
CA ARG B 89 -16.46 -1.42 11.75
C ARG B 89 -16.24 -1.29 10.25
N TYR B 90 -15.37 -2.14 9.70
CA TYR B 90 -15.14 -2.15 8.26
C TYR B 90 -16.52 -2.45 7.67
N ASN B 91 -16.95 -1.62 6.73
CA ASN B 91 -18.27 -1.77 6.13
C ASN B 91 -18.19 -2.11 4.65
N TRP B 92 -18.34 -3.39 4.34
CA TRP B 92 -18.29 -3.86 2.96
C TRP B 92 -19.69 -3.85 2.37
N ARG B 93 -20.68 -3.66 3.23
CA ARG B 93 -22.07 -3.63 2.78
C ARG B 93 -22.42 -2.37 2.00
N GLU B 94 -22.11 -1.19 2.53
CA GLU B 94 -22.42 0.00 1.73
C GLU B 94 -21.28 0.54 0.91
N ASN B 95 -20.18 0.92 1.55
CA ASN B 95 -19.09 1.55 0.80
C ASN B 95 -17.61 1.30 1.06
N LEU B 96 -17.25 0.17 1.67
CA LEU B 96 -15.85 -0.12 1.96
C LEU B 96 -15.31 0.93 2.93
N ASP B 97 -16.13 1.31 3.90
CA ASP B 97 -15.68 2.30 4.86
C ASP B 97 -14.78 1.58 5.87
N ARG B 98 -13.72 2.25 6.31
CA ARG B 98 -12.76 1.68 7.26
C ARG B 98 -12.14 0.42 6.65
N ASP B 99 -11.68 0.55 5.42
CA ASP B 99 -11.10 -0.55 4.68
C ASP B 99 -9.64 -0.76 5.11
N ILE B 100 -9.46 -1.39 6.27
CA ILE B 100 -8.11 -1.59 6.79
C ILE B 100 -8.00 -2.91 7.57
N ALA B 101 -6.86 -3.57 7.48
CA ALA B 101 -6.62 -4.83 8.19
C ALA B 101 -5.15 -5.01 8.53
N LEU B 102 -4.92 -5.67 9.65
CA LEU B 102 -3.57 -5.97 10.13
C LEU B 102 -3.33 -7.48 10.12
N MET B 103 -2.11 -7.87 9.81
CA MET B 103 -1.75 -9.28 9.79
C MET B 103 -0.47 -9.41 10.61
N LYS B 104 -0.51 -10.27 11.61
CA LYS B 104 0.65 -10.51 12.45
C LYS B 104 1.37 -11.72 11.86
N LEU B 105 2.66 -11.57 11.57
CA LEU B 105 3.45 -12.64 11.00
C LEU B 105 3.82 -13.64 12.09
N LYS B 106 4.00 -14.90 11.72
CA LYS B 106 4.32 -15.94 12.70
C LYS B 106 5.59 -15.66 13.49
N LYS B 107 6.61 -15.14 12.81
CA LYS B 107 7.85 -14.78 13.47
C LYS B 107 8.42 -13.56 12.77
N PRO B 108 9.14 -12.70 13.50
CA PRO B 108 9.73 -11.49 12.95
C PRO B 108 10.57 -11.65 11.69
N VAL B 109 10.41 -10.70 10.78
CA VAL B 109 11.15 -10.71 9.52
C VAL B 109 12.42 -9.91 9.74
N ALA B 110 13.50 -10.33 9.10
CA ALA B 110 14.77 -9.62 9.25
C ALA B 110 14.86 -8.50 8.24
N PHE B 111 15.22 -7.32 8.71
CA PHE B 111 15.36 -6.17 7.84
C PHE B 111 16.67 -6.32 7.07
N SER B 112 16.72 -5.68 5.91
CA SER B 112 17.90 -5.74 5.05
C SER B 112 17.82 -4.48 4.20
N ASP B 113 18.61 -4.41 3.15
CA ASP B 113 18.58 -3.26 2.27
C ASP B 113 17.28 -3.25 1.47
N TYR B 114 16.56 -4.37 1.47
CA TYR B 114 15.32 -4.54 0.70
C TYR B 114 14.07 -4.66 1.55
N ILE B 115 14.27 -4.83 2.86
CA ILE B 115 13.18 -4.99 3.83
C ILE B 115 13.36 -3.98 4.97
N HIS B 116 12.40 -3.04 5.07
CA HIS B 116 12.45 -2.00 6.10
C HIS B 116 11.05 -1.41 6.27
N PRO B 117 10.61 -1.17 7.51
CA PRO B 117 9.28 -0.61 7.79
C PRO B 117 9.08 0.87 7.46
N VAL B 118 7.83 1.22 7.16
CA VAL B 118 7.43 2.59 6.85
C VAL B 118 6.80 3.12 8.12
N CYS B 119 6.81 4.44 8.32
CA CYS B 119 6.22 5.02 9.51
C CYS B 119 4.72 5.24 9.36
N LEU B 120 4.01 5.24 10.48
CA LEU B 120 2.58 5.52 10.48
C LEU B 120 2.54 6.96 10.93
N PRO B 121 1.70 7.77 10.30
CA PRO B 121 1.57 9.20 10.63
C PRO B 121 0.97 9.54 12.00
N ASP B 122 1.48 10.62 12.57
CA ASP B 122 0.98 11.15 13.84
C ASP B 122 0.03 12.27 13.40
N ARG B 123 -0.80 12.77 14.32
CA ARG B 123 -1.75 13.83 14.03
C ARG B 123 -1.18 15.03 13.28
N GLU B 124 -0.04 15.53 13.73
CA GLU B 124 0.61 16.69 13.12
C GLU B 124 1.12 16.42 11.71
N THR B 125 1.71 15.23 11.51
CA THR B 125 2.22 14.86 10.20
C THR B 125 1.08 14.79 9.20
N ALA B 126 -0.01 14.14 9.60
CA ALA B 126 -1.19 14.00 8.76
C ALA B 126 -1.80 15.35 8.39
N ALA B 127 -1.95 16.22 9.39
CA ALA B 127 -2.52 17.54 9.17
C ALA B 127 -1.72 18.35 8.16
N SER B 128 -0.41 18.36 8.33
CA SER B 128 0.47 19.10 7.44
C SER B 128 0.58 18.58 6.01
N LEU B 129 0.57 17.26 5.83
CA LEU B 129 0.73 16.69 4.49
C LEU B 129 -0.53 16.30 3.71
N LEU B 130 -1.58 15.92 4.42
CA LEU B 130 -2.82 15.51 3.78
C LEU B 130 -3.63 16.70 3.26
N GLN B 131 -3.06 17.38 2.28
CA GLN B 131 -3.64 18.56 1.66
C GLN B 131 -3.71 18.41 0.15
N ALA B 132 -4.79 18.95 -0.43
CA ALA B 132 -5.01 18.88 -1.86
C ALA B 132 -3.81 19.47 -2.59
N GLY B 133 -3.33 18.76 -3.60
CA GLY B 133 -2.20 19.22 -4.37
C GLY B 133 -0.90 18.54 -3.96
N TYR B 134 -0.77 18.20 -2.69
CA TYR B 134 0.43 17.52 -2.19
C TYR B 134 0.45 16.12 -2.79
N LYS B 135 1.62 15.70 -3.27
CA LYS B 135 1.76 14.39 -3.89
C LYS B 135 2.20 13.26 -2.98
N GLY B 136 1.61 12.10 -3.22
CA GLY B 136 1.96 10.90 -2.50
C GLY B 136 2.48 9.93 -3.53
N ARG B 137 2.91 8.75 -3.07
CA ARG B 137 3.47 7.73 -3.95
C ARG B 137 2.75 6.40 -3.77
N VAL B 138 2.35 5.80 -4.89
CA VAL B 138 1.66 4.51 -4.88
C VAL B 138 2.53 3.52 -5.64
N THR B 139 2.62 2.30 -5.10
CA THR B 139 3.42 1.24 -5.69
C THR B 139 2.68 -0.10 -5.67
N GLY B 140 3.02 -0.97 -6.62
CA GLY B 140 2.38 -2.27 -6.66
C GLY B 140 2.71 -3.04 -7.91
N TRP B 141 2.23 -4.28 -7.96
CA TRP B 141 2.45 -5.18 -9.09
C TRP B 141 1.15 -5.44 -9.86
N GLY B 142 0.14 -4.62 -9.61
CA GLY B 142 -1.14 -4.78 -10.28
C GLY B 142 -1.07 -4.43 -11.75
N ASN B 143 -2.21 -4.59 -12.42
CA ASN B 143 -2.31 -4.32 -13.84
C ASN B 143 -1.78 -2.96 -14.26
N LEU B 144 -1.27 -2.90 -15.49
CA LEU B 144 -0.73 -1.69 -16.06
C LEU B 144 -1.83 -0.96 -16.85
N LYS B 145 -2.93 -1.67 -17.09
CA LYS B 145 -4.06 -1.13 -17.85
C LYS B 145 -5.32 -1.68 -17.24
N GLU B 146 -6.42 -0.94 -17.39
CA GLU B 146 -7.70 -1.38 -16.85
C GLU B 146 -8.11 -2.69 -17.52
N THR B 147 -7.82 -2.79 -18.82
CA THR B 147 -8.14 -3.97 -19.60
C THR B 147 -7.22 -4.06 -20.82
N GLY B 155 -0.05 -5.36 -19.84
CA GLY B 155 -0.85 -6.25 -18.92
C GLY B 155 -0.35 -6.17 -17.49
N GLN B 156 0.29 -7.23 -17.02
CA GLN B 156 0.86 -7.28 -15.67
C GLN B 156 2.33 -6.88 -15.83
N PRO B 157 2.88 -6.16 -14.83
CA PRO B 157 4.28 -5.72 -14.88
C PRO B 157 5.27 -6.82 -14.51
N SER B 158 6.51 -6.67 -14.92
CA SER B 158 7.54 -7.63 -14.60
C SER B 158 8.18 -7.24 -13.27
N VAL B 159 8.12 -5.95 -12.98
CA VAL B 159 8.73 -5.40 -11.79
C VAL B 159 7.76 -4.45 -11.08
N LEU B 160 8.00 -4.24 -9.79
CA LEU B 160 7.18 -3.33 -8.97
C LEU B 160 7.09 -1.98 -9.67
N GLN B 161 5.86 -1.48 -9.80
CA GLN B 161 5.64 -0.19 -10.44
C GLN B 161 5.43 0.91 -9.39
N VAL B 162 5.76 2.14 -9.77
CA VAL B 162 5.62 3.27 -8.87
C VAL B 162 5.06 4.48 -9.63
N VAL B 163 4.20 5.25 -8.97
CA VAL B 163 3.64 6.45 -9.57
C VAL B 163 3.35 7.47 -8.46
N ASN B 164 3.67 8.73 -8.70
CA ASN B 164 3.43 9.79 -7.73
C ASN B 164 2.16 10.47 -8.19
N LEU B 165 1.20 10.63 -7.27
CA LEU B 165 -0.11 11.24 -7.59
C LEU B 165 -0.54 12.31 -6.57
N PRO B 166 -1.13 13.42 -7.05
CA PRO B 166 -1.59 14.50 -6.17
C PRO B 166 -2.90 14.25 -5.44
N ILE B 167 -2.94 14.66 -4.18
CA ILE B 167 -4.15 14.54 -3.36
C ILE B 167 -5.15 15.52 -3.96
N VAL B 168 -6.41 15.11 -4.05
CA VAL B 168 -7.47 15.91 -4.64
C VAL B 168 -8.44 16.48 -3.59
N GLU B 169 -8.98 17.67 -3.87
CA GLU B 169 -9.93 18.32 -2.95
C GLU B 169 -11.12 17.40 -2.74
N ARG B 170 -11.57 17.29 -1.49
CA ARG B 170 -12.70 16.41 -1.19
C ARG B 170 -13.93 16.67 -2.07
N PRO B 171 -14.27 17.96 -2.33
CA PRO B 171 -15.44 18.24 -3.19
C PRO B 171 -15.26 17.60 -4.56
N VAL B 172 -14.07 17.73 -5.13
CA VAL B 172 -13.76 17.17 -6.44
C VAL B 172 -13.90 15.65 -6.39
N CYS B 173 -13.40 15.03 -5.32
CA CYS B 173 -13.50 13.57 -5.17
C CYS B 173 -14.98 13.13 -5.17
N LYS B 174 -15.78 13.83 -4.37
CA LYS B 174 -17.21 13.54 -4.26
C LYS B 174 -17.96 13.73 -5.59
N ASP B 175 -17.65 14.81 -6.30
CA ASP B 175 -18.30 15.11 -7.57
C ASP B 175 -17.87 14.26 -8.74
N SER B 176 -16.91 13.35 -8.52
CA SER B 176 -16.43 12.53 -9.61
C SER B 176 -17.13 11.17 -9.61
N THR B 177 -18.00 10.94 -8.64
CA THR B 177 -18.64 9.64 -8.52
C THR B 177 -20.01 9.72 -7.86
N ARG B 178 -20.80 8.66 -8.00
CA ARG B 178 -22.12 8.60 -7.38
C ARG B 178 -22.01 7.88 -6.03
N ILE B 179 -20.82 7.36 -5.75
CA ILE B 179 -20.57 6.65 -4.49
C ILE B 179 -20.42 7.65 -3.34
N ARG B 180 -20.92 7.28 -2.16
CA ARG B 180 -20.84 8.11 -0.97
C ARG B 180 -19.44 8.07 -0.31
N ILE B 181 -18.73 9.18 -0.38
CA ILE B 181 -17.38 9.27 0.20
C ILE B 181 -17.48 9.55 1.70
N THR B 182 -16.71 8.83 2.51
CA THR B 182 -16.71 9.04 3.95
C THR B 182 -15.41 9.74 4.35
N ASP B 183 -15.33 10.23 5.59
CA ASP B 183 -14.13 10.91 6.06
C ASP B 183 -12.95 9.96 6.23
N ASN B 184 -13.22 8.67 6.17
CA ASN B 184 -12.18 7.64 6.31
C ASN B 184 -11.53 7.31 4.98
N MET B 185 -11.84 8.09 3.96
CA MET B 185 -11.30 7.91 2.61
C MET B 185 -10.78 9.23 2.07
N PHE B 186 -9.88 9.17 1.10
CA PHE B 186 -9.39 10.35 0.42
C PHE B 186 -9.07 9.88 -1.01
N CYS B 187 -9.11 10.79 -1.98
CA CYS B 187 -8.81 10.40 -3.34
C CYS B 187 -7.58 11.11 -3.86
N ALA B 188 -6.95 10.51 -4.88
CA ALA B 188 -5.74 11.08 -5.46
C ALA B 188 -5.71 10.79 -6.97
N GLY B 189 -4.95 11.60 -7.70
CA GLY B 189 -4.85 11.43 -9.13
C GLY B 189 -4.96 12.77 -9.84
N TYR B 190 -4.59 12.79 -11.11
CA TYR B 190 -4.65 14.02 -11.90
C TYR B 190 -6.03 14.27 -12.51
N LYS B 191 -6.35 15.54 -12.72
CA LYS B 191 -7.62 15.95 -13.29
C LYS B 191 -7.43 15.93 -14.80
N PRO B 192 -8.52 15.77 -15.57
CA PRO B 192 -8.43 15.74 -17.04
C PRO B 192 -7.58 16.84 -17.67
N ASP B 193 -7.63 18.05 -17.13
CA ASP B 193 -6.85 19.15 -17.71
C ASP B 193 -5.41 19.28 -17.21
N GLU B 194 -5.01 18.46 -16.25
CA GLU B 194 -3.66 18.54 -15.71
C GLU B 194 -2.60 17.88 -16.57
N GLY B 195 -3.04 17.22 -17.64
CA GLY B 195 -2.10 16.55 -18.53
C GLY B 195 -1.62 15.19 -18.04
N LYS B 196 -0.89 15.19 -16.93
CA LYS B 196 -0.36 13.96 -16.36
C LYS B 196 -1.45 12.97 -15.96
N ARG B 197 -1.06 11.73 -15.68
CA ARG B 197 -2.00 10.70 -15.27
C ARG B 197 -1.34 9.60 -14.44
N GLY B 198 -2.04 8.50 -14.25
CA GLY B 198 -1.52 7.40 -13.45
C GLY B 198 -2.55 7.07 -12.39
N ASP B 199 -2.55 5.83 -11.90
CA ASP B 199 -3.54 5.43 -10.90
C ASP B 199 -3.18 4.01 -10.50
N ALA B 200 -3.75 3.54 -9.39
CA ALA B 200 -3.56 2.17 -8.97
C ALA B 200 -4.53 1.39 -9.85
N CYS B 201 -4.51 0.07 -9.77
CA CYS B 201 -5.41 -0.73 -10.57
C CYS B 201 -5.53 -2.08 -9.89
N GLU B 202 -6.25 -3.01 -10.53
CA GLU B 202 -6.45 -4.35 -9.98
C GLU B 202 -5.08 -4.99 -9.69
N GLY B 203 -4.93 -5.51 -8.47
CA GLY B 203 -3.68 -6.12 -8.06
C GLY B 203 -2.88 -5.19 -7.17
N ASP B 204 -3.25 -3.91 -7.16
CA ASP B 204 -2.57 -2.89 -6.36
C ASP B 204 -3.24 -2.64 -5.02
N SER B 205 -4.53 -2.97 -4.92
CA SER B 205 -5.26 -2.72 -3.69
C SER B 205 -4.64 -3.38 -2.45
N GLY B 206 -4.69 -2.65 -1.34
CA GLY B 206 -4.09 -3.13 -0.10
C GLY B 206 -2.72 -2.50 0.01
N GLY B 207 -2.19 -2.00 -1.12
CA GLY B 207 -0.90 -1.36 -1.18
C GLY B 207 -0.81 -0.01 -0.48
N PRO B 208 0.40 0.52 -0.31
CA PRO B 208 0.58 1.81 0.36
C PRO B 208 0.62 3.07 -0.51
N PHE B 209 0.15 4.17 0.06
CA PHE B 209 0.19 5.50 -0.55
C PHE B 209 1.06 6.18 0.51
N VAL B 210 2.28 6.53 0.15
CA VAL B 210 3.20 7.14 1.11
C VAL B 210 3.57 8.55 0.72
N MET B 211 4.12 9.29 1.68
CA MET B 211 4.56 10.66 1.44
C MET B 211 5.85 10.83 2.22
N LYS B 212 6.78 11.57 1.67
CA LYS B 212 8.03 11.82 2.39
C LYS B 212 7.93 13.16 3.10
N SER B 213 7.92 13.12 4.42
CA SER B 213 7.85 14.33 5.22
C SER B 213 9.07 15.23 4.99
N PRO B 214 8.83 16.51 4.62
CA PRO B 214 9.90 17.47 4.38
C PRO B 214 10.44 18.00 5.72
N PHE B 215 9.75 17.68 6.80
CA PHE B 215 10.14 18.11 8.15
C PHE B 215 11.21 17.20 8.75
N ASN B 216 11.08 15.89 8.53
CA ASN B 216 12.07 14.96 9.08
C ASN B 216 12.65 13.96 8.08
N ASN B 217 12.31 14.13 6.81
CA ASN B 217 12.80 13.26 5.73
C ASN B 217 12.48 11.76 5.87
N ARG B 218 11.36 11.44 6.51
CA ARG B 218 10.93 10.05 6.66
C ARG B 218 9.69 9.81 5.83
N TRP B 219 9.51 8.56 5.39
CA TRP B 219 8.36 8.18 4.61
C TRP B 219 7.26 7.72 5.54
N TYR B 220 6.06 8.23 5.29
CA TYR B 220 4.88 7.88 6.08
C TYR B 220 3.80 7.35 5.15
N GLN B 221 3.06 6.35 5.62
CA GLN B 221 1.98 5.78 4.83
C GLN B 221 0.70 6.50 5.21
N MET B 222 0.20 7.33 4.29
CA MET B 222 -1.01 8.10 4.53
C MET B 222 -2.24 7.34 4.07
N GLY B 223 -2.10 6.53 3.03
CA GLY B 223 -3.25 5.81 2.53
C GLY B 223 -3.02 4.35 2.14
N ILE B 224 -4.12 3.63 1.95
CA ILE B 224 -4.10 2.24 1.53
C ILE B 224 -4.98 2.21 0.29
N VAL B 225 -4.46 1.71 -0.84
CA VAL B 225 -5.24 1.61 -2.07
C VAL B 225 -6.52 0.87 -1.69
N SER B 226 -7.66 1.54 -1.83
CA SER B 226 -8.93 0.97 -1.44
C SER B 226 -9.88 0.59 -2.57
N TRP B 227 -10.34 1.58 -3.32
CA TRP B 227 -11.25 1.30 -4.42
C TRP B 227 -11.14 2.31 -5.53
N GLY B 228 -11.76 2.00 -6.65
CA GLY B 228 -11.73 2.88 -7.79
C GLY B 228 -12.72 2.34 -8.79
N GLU B 229 -13.09 3.17 -9.76
CA GLU B 229 -14.01 2.81 -10.82
C GLU B 229 -13.18 2.80 -12.08
N GLY B 230 -12.83 1.58 -12.50
CA GLY B 230 -11.99 1.45 -13.67
C GLY B 230 -10.56 1.70 -13.23
N CYS B 231 -9.71 2.09 -14.16
CA CYS B 231 -8.32 2.38 -13.83
C CYS B 231 -7.84 3.49 -14.72
N ASP B 232 -7.42 4.58 -14.09
CA ASP B 232 -6.88 5.73 -14.82
C ASP B 232 -7.87 6.35 -15.81
N ARG B 233 -9.14 6.36 -15.45
CA ARG B 233 -10.16 6.94 -16.31
C ARG B 233 -10.18 8.45 -16.09
N ASP B 234 -10.28 9.21 -17.18
CA ASP B 234 -10.36 10.65 -17.09
C ASP B 234 -11.57 10.99 -16.23
N GLY B 235 -11.38 11.88 -15.27
CA GLY B 235 -12.49 12.28 -14.41
C GLY B 235 -12.74 11.36 -13.24
N LYS B 236 -11.96 10.31 -13.11
CA LYS B 236 -12.12 9.39 -11.98
C LYS B 236 -10.86 9.49 -11.15
N TYR B 237 -10.94 9.09 -9.89
CA TYR B 237 -9.80 9.15 -8.99
C TYR B 237 -9.71 7.89 -8.15
N GLY B 238 -8.50 7.57 -7.70
CA GLY B 238 -8.32 6.41 -6.87
C GLY B 238 -8.65 6.82 -5.45
N PHE B 239 -9.35 5.96 -4.72
CA PHE B 239 -9.70 6.23 -3.34
C PHE B 239 -8.83 5.43 -2.40
N TYR B 240 -8.47 6.07 -1.29
CA TYR B 240 -7.57 5.49 -0.32
C TYR B 240 -8.10 5.53 1.09
N THR B 241 -7.78 4.49 1.85
CA THR B 241 -8.17 4.43 3.26
C THR B 241 -7.30 5.48 3.97
N HIS B 242 -7.94 6.37 4.72
CA HIS B 242 -7.24 7.43 5.46
C HIS B 242 -6.58 6.76 6.66
N VAL B 243 -5.30 6.40 6.53
CA VAL B 243 -4.61 5.68 7.62
C VAL B 243 -4.64 6.34 9.00
N PHE B 244 -4.30 7.64 9.08
CA PHE B 244 -4.33 8.30 10.38
C PHE B 244 -5.71 8.30 11.04
N ARG B 245 -6.77 8.44 10.26
CA ARG B 245 -8.11 8.46 10.83
C ARG B 245 -8.44 7.18 11.57
N LEU B 246 -7.79 6.08 11.19
CA LEU B 246 -8.04 4.79 11.81
C LEU B 246 -6.83 4.29 12.63
N LYS B 247 -5.91 5.20 12.96
CA LYS B 247 -4.73 4.83 13.70
C LYS B 247 -5.01 4.33 15.11
N LYS B 248 -6.05 4.87 15.74
CA LYS B 248 -6.38 4.44 17.09
C LYS B 248 -6.63 2.94 17.12
N TRP B 249 -7.35 2.44 16.12
CA TRP B 249 -7.64 1.02 16.02
C TRP B 249 -6.31 0.28 15.87
N ILE B 250 -5.45 0.78 14.99
CA ILE B 250 -4.15 0.19 14.74
C ILE B 250 -3.35 0.10 16.03
N GLN B 251 -3.28 1.20 16.76
CA GLN B 251 -2.56 1.28 18.02
C GLN B 251 -3.07 0.22 19.00
N LYS B 252 -4.37 0.20 19.24
CA LYS B 252 -4.93 -0.76 20.18
C LYS B 252 -4.71 -2.22 19.82
N VAL B 253 -4.83 -2.59 18.54
CA VAL B 253 -4.64 -3.97 18.12
C VAL B 253 -3.18 -4.42 18.33
N ILE B 254 -2.26 -3.55 17.91
CA ILE B 254 -0.84 -3.85 18.03
C ILE B 254 -0.39 -4.05 19.47
N ASP B 255 -0.90 -3.23 20.38
CA ASP B 255 -0.50 -3.41 21.77
C ASP B 255 -1.45 -4.32 22.56
N GLN B 256 -2.43 -4.91 21.88
CA GLN B 256 -3.34 -5.82 22.55
C GLN B 256 -2.97 -7.25 22.22
N PHE B 257 -2.66 -7.50 20.96
CA PHE B 257 -2.31 -8.85 20.50
C PHE B 257 -0.92 -8.87 19.89
N GLY B 258 -0.30 -7.71 19.74
CA GLY B 258 0.99 -7.64 19.09
C GLY B 258 2.31 -7.72 19.80
N GLU B 259 3.33 -7.44 19.00
CA GLU B 259 4.74 -7.44 19.38
C GLU B 259 5.43 -6.57 18.32
N ASP C 1 1.52 -17.55 -13.58
CA ASP C 1 2.92 -17.60 -14.10
C ASP C 1 3.94 -17.24 -13.02
N PHE C 2 3.66 -17.68 -11.80
CA PHE C 2 4.55 -17.41 -10.69
C PHE C 2 5.54 -18.54 -10.48
N GLU C 3 6.82 -18.18 -10.38
CA GLU C 3 7.87 -19.17 -10.17
C GLU C 3 7.63 -19.91 -8.86
N GLU C 4 7.92 -21.20 -8.89
CA GLU C 4 7.76 -22.06 -7.73
C GLU C 4 8.53 -21.50 -6.56
N ILE C 5 7.91 -21.48 -5.39
CA ILE C 5 8.57 -20.98 -4.19
C ILE C 5 8.95 -22.21 -3.39
N PRO C 6 10.01 -22.11 -2.55
CA PRO C 6 10.42 -23.25 -1.74
C PRO C 6 9.24 -23.89 -1.05
N GLU C 7 9.07 -25.18 -1.29
CA GLU C 7 7.98 -25.96 -0.71
C GLU C 7 7.94 -25.82 0.82
N GLU C 8 9.04 -25.35 1.39
CA GLU C 8 9.14 -25.18 2.84
C GLU C 8 8.12 -24.18 3.41
N TYS C 9 7.62 -23.30 2.55
CA TYS C 9 6.66 -22.28 2.97
CB TYS C 9 6.88 -20.99 2.17
CG TYS C 9 8.25 -20.42 2.35
CD1 TYS C 9 8.67 -19.99 3.60
CD2 TYS C 9 9.13 -20.33 1.28
CE1 TYS C 9 9.95 -19.48 3.79
CE2 TYS C 9 10.41 -19.83 1.45
CZ TYS C 9 10.81 -19.39 2.71
OH TYS C 9 12.05 -18.86 2.86
S TYS C 9 12.40 -17.32 2.42
O1 TYS C 9 11.73 -16.96 1.20
O2 TYS C 9 12.00 -16.46 3.47
O3 TYS C 9 13.83 -17.20 2.21
C TYS C 9 5.20 -22.68 2.86
O TYS C 9 4.32 -22.04 3.44
N LEU C 10 4.94 -23.73 2.07
CA LEU C 10 3.60 -24.20 1.84
C LEU C 10 3.17 -25.28 2.85
N1 R11 D . -8.19 2.49 -9.96
N2 R11 D . -7.53 3.20 -8.02
C1 R11 D . -8.11 2.21 -8.68
C2 R11 D . -8.46 0.95 -8.11
C3 R11 D . -8.98 -0.13 -8.91
C4 R11 D . -9.32 -1.37 -8.35
C5 R11 D . -9.16 -1.59 -6.96
C6 R11 D . -8.65 -0.56 -6.15
C7 R11 D . -8.30 0.69 -6.71
N R11 D . -9.49 -2.85 -6.34
C R11 D . -10.30 -3.11 -5.11
N3 R11 D . -12.19 -1.83 -6.14
C8 R11 D . -11.79 -2.72 -5.15
N9 R11 D . -12.73 -3.22 -4.22
C3A R11 D . -13.85 -2.55 -4.70
C7A R11 D . -13.51 -1.73 -5.84
C10 R11 D . -15.20 -2.59 -4.22
C11 R11 D . -16.17 -1.82 -4.88
C12 R11 D . -15.84 -1.01 -6.00
C13 R11 D . -14.52 -0.96 -6.51
C14 R11 D . -12.59 -4.17 -3.06
C9 R11 D . -16.95 -0.17 -6.67
N4 R11 D . -18.04 0.18 -5.69
C15 R11 D . -19.43 -0.07 -5.68
N16 R11 D . -20.25 0.36 -4.61
C17 R11 D . -19.26 0.97 -3.86
C18 R11 D . -17.97 0.87 -4.49
C19 R11 D . -19.40 1.65 -2.61
C20 R11 D . -18.24 2.21 -2.02
C21 R11 D . -16.97 2.10 -2.61
C22 R11 D . -16.82 1.45 -3.85
C23 R11 D . -20.10 -0.84 -6.81
#